data_6BSR
#
_entry.id   6BSR
#
_cell.length_a   123.306
_cell.length_b   85.469
_cell.length_c   83.685
_cell.angle_alpha   90.00
_cell.angle_beta   109.46
_cell.angle_gamma   90.00
#
_symmetry.space_group_name_H-M   'C 1 2 1'
#
loop_
_entity.id
_entity.type
_entity.pdbx_description
1 polymer 'PBP4 protein'
2 non-polymer GLYCEROL
3 non-polymer 'CHLORIDE ION'
4 non-polymer DI(HYDROXYETHYL)ETHER
5 non-polymer 'OPEN FORM - PENICILLIN G'
6 water water
#
_entity_poly.entity_id   1
_entity_poly.type   'polypeptide(L)'
_entity_poly.pdbx_seq_one_letter_code
;MGSDKIHHHHHHENLYFQGHMSQWQAKQELAEAKKTATTFLNVLSKQEFDKLPSVVQEASLKKNGYDTKSVVEKYQAIYS
GIQAEGVKASDVQVKKAKDNQYTFTYKLSMSTPLGEMKDLSYQSSIAKKGDTYQIAWKPSLIFPDMSGNDKISIQVDNAK
RGEIVDRNGSGLAINKVFDEVGVVPGKLGSGAEKTANIKAFSDKFGVSVDEINQKLSQGWVQADSFVPITVASEPVTELP
TGAATKDTESRYYPLGEAAAQLIGYTGTITAEDIEKNPELSSTGVIGKTGLERAFDKELRGQDGGSLVILDDKENVKKAL
QTKEKKDGQTIKLTIDSGVQQQAFAIFDKRPGSAVITDPQKGDLLATVSSPSYDPNKMANGISQKEYDAYNNNKDLPFTA
RFATGYAPGSTFKTITGAIGLDAGTLKPDEELEINGLKWQKDKSWGGYFATRVKEASPVNLRTALVNSDNIYFAQQTLRM
GEDKFRAGLNKFIFGEELDLPIAMTPAQISNEDKFNSEILLADTGYGQGQLLISPIQQATMYSVFQNNGTLVYPKLVLDK
ETKKKDNVISANAANTIATDLLGSVEDPSGYVYNMYNPNFSLAAKTGTAEIKDKQDTDGKENSFLLTLDRSNNKFLTMIM
VENSGENGSATDISKPLIDYLEATIK
;
_entity_poly.pdbx_strand_id   A
#
# COMPACT_ATOMS: atom_id res chain seq x y z
N ALA A 159 16.88 -32.98 4.68
CA ALA A 159 17.41 -31.66 4.33
C ALA A 159 16.73 -30.57 5.12
N LYS A 160 17.52 -29.63 5.64
CA LYS A 160 16.98 -28.52 6.39
C LYS A 160 16.35 -27.50 5.44
N ARG A 161 15.12 -27.09 5.76
CA ARG A 161 14.44 -26.10 4.93
C ARG A 161 15.19 -24.77 4.96
N GLY A 162 15.30 -24.14 3.79
CA GLY A 162 16.01 -22.88 3.69
C GLY A 162 15.34 -21.78 4.49
N GLU A 163 16.12 -20.77 4.82
CA GLU A 163 15.66 -19.65 5.63
C GLU A 163 15.21 -18.48 4.75
N ILE A 164 14.28 -17.70 5.28
CA ILE A 164 13.89 -16.42 4.71
C ILE A 164 14.39 -15.35 5.67
N VAL A 165 15.30 -14.50 5.19
CA VAL A 165 15.89 -13.45 6.02
C VAL A 165 15.57 -12.10 5.42
N ASP A 166 15.70 -11.06 6.25
CA ASP A 166 15.41 -9.70 5.81
C ASP A 166 16.64 -9.11 5.15
N ARG A 167 16.63 -7.80 4.89
CA ARG A 167 17.72 -7.17 4.17
C ARG A 167 19.01 -7.12 4.96
N ASN A 168 18.95 -7.30 6.28
CA ASN A 168 20.13 -7.30 7.13
C ASN A 168 20.55 -8.70 7.56
N GLY A 169 19.88 -9.74 7.05
CA GLY A 169 20.17 -11.10 7.44
C GLY A 169 19.38 -11.60 8.63
N SER A 170 18.58 -10.75 9.26
CA SER A 170 17.77 -11.18 10.40
C SER A 170 16.67 -12.14 9.93
N GLY A 171 16.39 -13.14 10.74
CA GLY A 171 15.50 -14.21 10.32
C GLY A 171 14.05 -13.74 10.22
N LEU A 172 13.37 -14.23 9.19
CA LEU A 172 11.93 -14.06 9.01
C LEU A 172 11.20 -15.39 9.00
N ALA A 173 11.79 -16.42 8.40
CA ALA A 173 11.26 -17.79 8.43
C ALA A 173 12.46 -18.72 8.59
N ILE A 174 12.69 -19.20 9.82
CA ILE A 174 13.86 -19.98 10.15
C ILE A 174 13.41 -21.25 10.87
N ASN A 175 14.38 -22.06 11.28
CA ASN A 175 14.16 -23.29 12.02
C ASN A 175 14.74 -23.17 13.41
N LYS A 176 14.04 -23.73 14.40
CA LYS A 176 14.49 -23.70 15.78
C LYS A 176 14.13 -25.00 16.47
N VAL A 177 15.04 -25.49 17.31
CA VAL A 177 14.83 -26.73 18.04
C VAL A 177 14.08 -26.43 19.33
N PHE A 178 13.00 -27.16 19.56
CA PHE A 178 12.23 -27.07 20.79
C PHE A 178 12.19 -28.42 21.49
N ASP A 179 11.87 -28.40 22.77
CA ASP A 179 11.65 -29.62 23.56
C ASP A 179 10.14 -29.81 23.67
N GLU A 180 9.59 -30.72 22.87
CA GLU A 180 8.16 -30.91 22.76
C GLU A 180 7.68 -31.95 23.77
N VAL A 181 6.51 -31.69 24.34
CA VAL A 181 5.89 -32.62 25.27
C VAL A 181 4.73 -33.36 24.59
N PHE A 226 6.75 -40.62 18.13
CA PHE A 226 6.45 -39.52 19.04
C PHE A 226 5.64 -38.43 18.34
N VAL A 227 4.56 -38.01 18.97
CA VAL A 227 3.68 -36.98 18.41
C VAL A 227 3.85 -35.70 19.21
N PRO A 228 4.62 -34.72 18.71
CA PRO A 228 4.77 -33.46 19.45
C PRO A 228 3.49 -32.65 19.43
N ILE A 229 3.18 -32.02 20.56
CA ILE A 229 1.98 -31.20 20.70
C ILE A 229 2.38 -29.76 20.95
N THR A 230 2.81 -29.46 22.17
CA THR A 230 3.22 -28.11 22.56
C THR A 230 4.60 -28.17 23.20
N VAL A 231 5.14 -27.00 23.52
CA VAL A 231 6.46 -26.89 24.11
C VAL A 231 6.38 -27.27 25.59
N ALA A 232 7.34 -28.06 26.04
CA ALA A 232 7.39 -28.50 27.43
C ALA A 232 7.62 -27.32 28.37
N THR A 245 8.58 -36.32 26.07
CA THR A 245 9.54 -35.25 25.87
C THR A 245 10.58 -35.63 24.82
N LYS A 246 10.72 -34.79 23.79
CA LYS A 246 11.67 -35.04 22.72
C LYS A 246 11.98 -33.73 22.01
N ASP A 247 13.22 -33.60 21.57
CA ASP A 247 13.66 -32.41 20.86
C ASP A 247 13.33 -32.54 19.37
N THR A 248 12.58 -31.57 18.84
CA THR A 248 12.21 -31.57 17.44
C THR A 248 12.58 -30.22 16.82
N GLU A 249 12.76 -30.24 15.49
CA GLU A 249 13.04 -29.03 14.73
C GLU A 249 11.73 -28.46 14.20
N SER A 250 11.45 -27.20 14.56
CA SER A 250 10.20 -26.56 14.18
C SER A 250 10.47 -25.30 13.37
N ARG A 251 9.56 -25.01 12.44
CA ARG A 251 9.63 -23.77 11.70
C ARG A 251 9.23 -22.60 12.60
N TYR A 252 10.08 -21.58 12.66
CA TYR A 252 9.90 -20.48 13.59
C TYR A 252 9.89 -19.16 12.83
N TYR A 253 9.04 -18.23 13.27
CA TYR A 253 8.91 -16.92 12.67
C TYR A 253 9.16 -15.84 13.72
N PRO A 254 10.33 -15.18 13.68
CA PRO A 254 10.67 -14.25 14.77
C PRO A 254 9.76 -13.05 14.86
N LEU A 255 9.17 -12.61 13.75
CA LEU A 255 8.29 -11.44 13.77
C LEU A 255 6.85 -11.79 14.07
N GLY A 256 6.47 -13.06 14.01
CA GLY A 256 5.13 -13.46 14.39
C GLY A 256 4.08 -12.87 13.47
N GLU A 257 3.05 -12.28 14.08
CA GLU A 257 1.94 -11.73 13.31
C GLU A 257 2.31 -10.48 12.53
N ALA A 258 3.46 -9.86 12.85
CA ALA A 258 3.86 -8.64 12.15
C ALA A 258 4.10 -8.88 10.67
N ALA A 259 4.48 -10.09 10.28
CA ALA A 259 4.73 -10.45 8.90
C ALA A 259 4.06 -11.76 8.53
N ALA A 260 2.91 -12.06 9.14
CA ALA A 260 2.27 -13.35 8.95
C ALA A 260 1.73 -13.51 7.53
N GLN A 261 1.00 -12.51 7.04
CA GLN A 261 0.40 -12.61 5.72
C GLN A 261 1.46 -12.65 4.62
N LEU A 262 2.57 -11.92 4.82
CA LEU A 262 3.63 -11.90 3.81
C LEU A 262 4.40 -13.21 3.81
N ILE A 263 4.98 -13.57 4.95
CA ILE A 263 5.82 -14.76 5.03
C ILE A 263 4.98 -16.02 4.89
N GLY A 264 3.80 -16.03 5.50
CA GLY A 264 2.97 -17.22 5.48
C GLY A 264 3.43 -18.24 6.52
N TYR A 265 3.00 -19.48 6.32
CA TYR A 265 3.35 -20.55 7.24
C TYR A 265 3.47 -21.86 6.47
N THR A 266 4.19 -22.81 7.06
CA THR A 266 4.36 -24.13 6.49
C THR A 266 3.36 -25.10 7.11
N GLY A 267 3.17 -26.23 6.41
CA GLY A 267 2.34 -27.31 6.91
C GLY A 267 2.88 -28.63 6.42
N THR A 268 2.30 -29.71 6.92
CA THR A 268 2.73 -31.04 6.51
C THR A 268 2.21 -31.34 5.10
N ILE A 269 3.01 -32.10 4.34
CA ILE A 269 2.63 -32.42 2.96
C ILE A 269 1.42 -33.34 2.97
N THR A 270 0.38 -32.92 2.27
CA THR A 270 -0.88 -33.66 2.25
C THR A 270 -0.99 -34.47 0.96
N ALA A 271 -2.02 -35.31 0.92
CA ALA A 271 -2.22 -36.17 -0.26
C ALA A 271 -2.46 -35.34 -1.51
N GLU A 272 -3.25 -34.27 -1.40
CA GLU A 272 -3.51 -33.42 -2.55
C GLU A 272 -2.25 -32.71 -3.02
N ASP A 273 -1.34 -32.39 -2.11
CA ASP A 273 -0.06 -31.80 -2.50
C ASP A 273 0.77 -32.75 -3.34
N ILE A 274 0.66 -34.05 -3.06
CA ILE A 274 1.52 -35.06 -3.68
C ILE A 274 0.97 -35.41 -5.07
N GLU A 275 -0.22 -34.87 -5.37
CA GLU A 275 -0.79 -34.96 -6.70
C GLU A 275 0.02 -34.16 -7.72
N LYS A 276 0.52 -32.99 -7.32
CA LYS A 276 1.49 -32.26 -8.13
C LYS A 276 2.91 -32.46 -7.60
N ASN A 277 3.38 -33.70 -7.63
CA ASN A 277 4.66 -34.13 -7.05
C ASN A 277 5.68 -33.03 -6.77
N GLY A 284 8.05 -34.39 5.68
CA GLY A 284 8.54 -33.04 5.43
C GLY A 284 7.44 -32.00 5.50
N VAL A 285 7.81 -30.73 5.31
CA VAL A 285 6.86 -29.62 5.35
C VAL A 285 6.86 -28.93 3.99
N ILE A 286 5.77 -28.22 3.73
CA ILE A 286 5.57 -27.47 2.49
C ILE A 286 4.91 -26.14 2.82
N GLY A 287 5.32 -25.08 2.14
CA GLY A 287 4.70 -23.79 2.32
C GLY A 287 3.22 -23.79 1.95
N LYS A 288 2.38 -23.38 2.89
CA LYS A 288 0.94 -23.35 2.69
C LYS A 288 0.47 -22.02 2.12
N THR A 289 0.98 -20.90 2.63
CA THR A 289 0.60 -19.57 2.17
C THR A 289 1.84 -18.70 2.10
N GLY A 290 1.67 -17.47 1.63
CA GLY A 290 2.69 -16.45 1.63
C GLY A 290 3.93 -16.85 0.85
N LEU A 291 5.07 -16.28 1.25
CA LEU A 291 6.33 -16.57 0.57
C LEU A 291 6.85 -17.97 0.86
N GLU A 292 6.37 -18.62 1.93
CA GLU A 292 6.73 -20.01 2.16
C GLU A 292 6.25 -20.92 1.04
N ARG A 293 5.11 -20.58 0.43
CA ARG A 293 4.59 -21.37 -0.68
C ARG A 293 5.15 -20.90 -2.02
N ALA A 294 5.24 -19.59 -2.23
CA ALA A 294 5.74 -19.07 -3.50
C ALA A 294 7.19 -19.49 -3.73
N PHE A 295 7.99 -19.53 -2.67
CA PHE A 295 9.39 -19.93 -2.75
C PHE A 295 9.61 -21.36 -2.30
N ASP A 296 8.56 -22.17 -2.24
CA ASP A 296 8.66 -23.51 -1.65
C ASP A 296 9.66 -24.39 -2.39
N LYS A 297 9.78 -24.22 -3.71
CA LYS A 297 10.74 -25.01 -4.48
C LYS A 297 12.16 -24.73 -4.03
N GLU A 298 12.53 -23.46 -3.91
CA GLU A 298 13.90 -23.11 -3.54
C GLU A 298 14.17 -23.34 -2.05
N LEU A 299 13.13 -23.32 -1.22
CA LEU A 299 13.31 -23.41 0.23
C LEU A 299 13.37 -24.85 0.74
N ARG A 300 12.63 -25.77 0.11
CA ARG A 300 12.52 -27.11 0.67
C ARG A 300 13.74 -27.98 0.40
N GLY A 301 14.58 -27.61 -0.57
CA GLY A 301 15.75 -28.41 -0.85
C GLY A 301 15.41 -29.77 -1.44
N GLN A 302 16.23 -30.76 -1.11
CA GLN A 302 16.03 -32.12 -1.61
C GLN A 302 16.77 -33.08 -0.70
N ASP A 303 16.07 -34.08 -0.19
CA ASP A 303 16.68 -35.08 0.68
C ASP A 303 16.43 -36.49 0.13
N LYS A 326 20.84 -32.00 -0.26
CA LYS A 326 20.91 -30.58 -0.57
C LYS A 326 19.93 -29.79 0.29
N ASP A 327 20.47 -29.05 1.26
CA ASP A 327 19.63 -28.21 2.10
C ASP A 327 19.00 -27.08 1.27
N GLY A 328 17.89 -26.55 1.79
CA GLY A 328 17.18 -25.50 1.08
C GLY A 328 18.00 -24.23 0.99
N GLN A 329 17.71 -23.44 -0.03
CA GLN A 329 18.44 -22.19 -0.25
C GLN A 329 17.90 -21.09 0.64
N THR A 330 18.79 -20.18 1.05
CA THR A 330 18.41 -19.02 1.83
C THR A 330 18.02 -17.88 0.90
N ILE A 331 16.87 -17.28 1.16
CA ILE A 331 16.32 -16.21 0.33
C ILE A 331 16.28 -14.93 1.15
N LYS A 332 17.04 -13.93 0.71
CA LYS A 332 17.16 -12.65 1.40
C LYS A 332 16.20 -11.64 0.78
N LEU A 333 15.36 -11.03 1.61
CA LEU A 333 14.32 -10.13 1.15
C LEU A 333 14.76 -8.68 1.29
N THR A 334 13.94 -7.79 0.72
CA THR A 334 14.12 -6.36 0.91
C THR A 334 13.55 -5.86 2.23
N ILE A 335 12.80 -6.72 2.93
CA ILE A 335 12.10 -6.29 4.14
C ILE A 335 13.11 -5.83 5.19
N ASP A 336 12.74 -4.78 5.92
CA ASP A 336 13.47 -4.35 7.10
C ASP A 336 12.63 -4.73 8.32
N SER A 337 13.18 -5.60 9.17
CA SER A 337 12.42 -6.11 10.31
C SER A 337 11.99 -4.99 11.24
N GLY A 338 12.85 -3.99 11.46
CA GLY A 338 12.48 -2.89 12.32
C GLY A 338 11.32 -2.08 11.76
N VAL A 339 11.35 -1.80 10.46
CA VAL A 339 10.25 -1.07 9.83
C VAL A 339 8.99 -1.93 9.78
N GLN A 340 9.16 -3.24 9.54
CA GLN A 340 8.01 -4.14 9.49
C GLN A 340 7.28 -4.18 10.83
N GLN A 341 8.02 -4.24 11.94
CA GLN A 341 7.40 -4.31 13.25
C GLN A 341 6.79 -2.98 13.67
N GLN A 342 7.40 -1.87 13.29
CA GLN A 342 6.83 -0.56 13.61
C GLN A 342 5.55 -0.30 12.80
N ALA A 343 5.56 -0.67 11.52
CA ALA A 343 4.37 -0.46 10.68
C ALA A 343 3.20 -1.30 11.15
N PHE A 344 3.46 -2.47 11.74
CA PHE A 344 2.38 -3.30 12.25
C PHE A 344 1.88 -2.82 13.60
N ALA A 345 2.75 -2.22 14.41
CA ALA A 345 2.37 -1.85 15.77
C ALA A 345 1.37 -0.69 15.80
N ILE A 346 1.39 0.17 14.78
CA ILE A 346 0.54 1.35 14.80
C ILE A 346 -0.94 1.02 14.65
N PHE A 347 -1.27 -0.16 14.11
CA PHE A 347 -2.67 -0.47 13.84
C PHE A 347 -3.41 -0.88 15.10
N ASP A 348 -2.83 -1.77 15.91
CA ASP A 348 -3.43 -2.22 17.17
C ASP A 348 -4.80 -2.83 16.92
N LYS A 349 -4.81 -3.91 16.15
CA LYS A 349 -5.98 -4.69 15.76
C LYS A 349 -6.94 -3.95 14.83
N ARG A 350 -6.62 -2.72 14.44
CA ARG A 350 -7.45 -2.03 13.45
C ARG A 350 -7.28 -2.69 12.08
N PRO A 351 -8.35 -2.81 11.30
CA PRO A 351 -8.20 -3.34 9.94
C PRO A 351 -7.52 -2.32 9.03
N GLY A 352 -6.48 -2.76 8.34
CA GLY A 352 -5.76 -1.88 7.45
C GLY A 352 -4.48 -2.52 6.96
N SER A 353 -3.69 -1.72 6.24
CA SER A 353 -2.44 -2.19 5.68
C SER A 353 -1.45 -1.04 5.59
N ALA A 354 -0.17 -1.40 5.48
CA ALA A 354 0.91 -0.42 5.38
C ALA A 354 1.98 -0.96 4.44
N VAL A 355 2.37 -0.15 3.47
CA VAL A 355 3.40 -0.51 2.49
C VAL A 355 4.45 0.59 2.53
N ILE A 356 5.65 0.25 2.98
CA ILE A 356 6.79 1.18 3.02
C ILE A 356 7.81 0.70 1.99
N THR A 357 8.20 1.60 1.09
CA THR A 357 9.09 1.25 0.00
C THR A 357 10.29 2.18 -0.03
N ASP A 358 11.36 1.71 -0.66
CA ASP A 358 12.44 2.57 -1.14
C ASP A 358 12.02 3.02 -2.54
N PRO A 359 11.55 4.26 -2.68
CA PRO A 359 10.89 4.65 -3.94
C PRO A 359 11.81 4.63 -5.14
N GLN A 360 13.10 4.87 -4.95
CA GLN A 360 14.05 4.93 -6.06
C GLN A 360 14.62 3.56 -6.44
N LYS A 361 14.47 2.55 -5.59
CA LYS A 361 14.92 1.21 -5.90
C LYS A 361 13.80 0.17 -5.96
N GLY A 362 12.63 0.47 -5.42
CA GLY A 362 11.54 -0.48 -5.40
C GLY A 362 11.53 -1.44 -4.22
N ASP A 363 12.55 -1.37 -3.36
CA ASP A 363 12.63 -2.25 -2.20
C ASP A 363 11.38 -2.11 -1.33
N LEU A 364 10.68 -3.22 -1.12
CA LEU A 364 9.56 -3.25 -0.19
C LEU A 364 10.14 -3.40 1.21
N LEU A 365 10.32 -2.26 1.89
CA LEU A 365 10.86 -2.28 3.24
C LEU A 365 9.89 -2.87 4.25
N ALA A 366 8.60 -2.82 3.97
CA ALA A 366 7.59 -3.37 4.88
C ALA A 366 6.29 -3.56 4.12
N THR A 367 5.65 -4.71 4.34
CA THR A 367 4.31 -5.00 3.81
C THR A 367 3.51 -5.57 4.98
N VAL A 368 2.64 -4.74 5.56
CA VAL A 368 1.92 -5.06 6.77
C VAL A 368 0.43 -5.14 6.45
N SER A 369 -0.24 -6.15 7.01
CA SER A 369 -1.69 -6.29 6.93
C SER A 369 -2.24 -6.51 8.33
N SER A 370 -3.31 -5.80 8.67
CA SER A 370 -3.92 -5.88 9.98
C SER A 370 -5.44 -6.04 9.84
N PRO A 371 -6.08 -6.86 10.68
CA PRO A 371 -5.45 -7.64 11.76
C PRO A 371 -4.67 -8.84 11.24
N SER A 372 -3.96 -9.54 12.13
CA SER A 372 -3.13 -10.66 11.70
C SER A 372 -3.39 -11.91 12.52
N TYR A 373 -2.50 -12.89 12.41
CA TYR A 373 -2.63 -14.15 13.12
C TYR A 373 -1.24 -14.64 13.50
N ASP A 374 -1.22 -15.62 14.42
CA ASP A 374 0.03 -16.23 14.85
C ASP A 374 0.46 -17.26 13.83
N PRO A 375 1.55 -17.01 13.09
CA PRO A 375 2.01 -18.00 12.10
C PRO A 375 2.75 -19.17 12.72
N ASN A 376 3.30 -19.03 13.92
CA ASN A 376 3.95 -20.15 14.58
C ASN A 376 2.94 -21.21 14.99
N LYS A 377 1.75 -20.78 15.44
CA LYS A 377 0.72 -21.74 15.82
C LYS A 377 0.09 -22.39 14.59
N MET A 378 -0.09 -21.62 13.52
CA MET A 378 -0.65 -22.18 12.29
C MET A 378 0.24 -23.24 11.69
N ALA A 379 1.55 -23.16 11.93
CA ALA A 379 2.50 -24.10 11.36
C ALA A 379 2.88 -25.24 12.29
N ASN A 380 2.72 -25.07 13.60
CA ASN A 380 3.18 -26.08 14.55
C ASN A 380 2.12 -26.54 15.53
N GLY A 381 0.92 -25.96 15.54
CA GLY A 381 -0.11 -26.43 16.44
C GLY A 381 -1.05 -25.34 16.94
N ILE A 382 -2.25 -25.28 16.36
CA ILE A 382 -3.28 -24.35 16.80
C ILE A 382 -4.54 -25.15 17.08
N SER A 383 -5.23 -24.80 18.17
CA SER A 383 -6.45 -25.50 18.53
C SER A 383 -7.62 -25.00 17.70
N GLN A 384 -8.67 -25.81 17.64
CA GLN A 384 -9.87 -25.43 16.91
C GLN A 384 -10.51 -24.18 17.49
N LYS A 385 -10.35 -23.95 18.79
CA LYS A 385 -10.90 -22.73 19.38
C LYS A 385 -10.18 -21.50 18.88
N GLU A 386 -8.84 -21.52 18.91
CA GLU A 386 -8.08 -20.36 18.45
C GLU A 386 -8.19 -20.20 16.94
N TYR A 387 -8.29 -21.31 16.20
CA TYR A 387 -8.40 -21.22 14.74
C TYR A 387 -9.77 -20.68 14.32
N ASP A 388 -10.83 -21.09 15.03
CA ASP A 388 -12.16 -20.58 14.70
C ASP A 388 -12.29 -19.10 15.04
N ALA A 389 -11.54 -18.63 16.04
CA ALA A 389 -11.55 -17.20 16.34
C ALA A 389 -10.96 -16.40 15.18
N TYR A 390 -9.96 -16.96 14.50
CA TYR A 390 -9.41 -16.31 13.31
C TYR A 390 -10.43 -16.29 12.17
N ASN A 391 -11.08 -17.44 11.92
CA ASN A 391 -11.94 -17.55 10.74
C ASN A 391 -13.25 -16.78 10.93
N ASN A 392 -13.75 -16.69 12.16
CA ASN A 392 -14.96 -15.95 12.47
C ASN A 392 -14.71 -14.45 12.67
N ASN A 393 -13.45 -14.02 12.69
CA ASN A 393 -13.11 -12.60 12.79
C ASN A 393 -13.59 -11.89 11.53
N LYS A 394 -14.58 -11.02 11.68
CA LYS A 394 -15.13 -10.29 10.54
C LYS A 394 -14.12 -9.37 9.89
N ASP A 395 -13.06 -9.00 10.61
CA ASP A 395 -12.00 -8.18 10.04
C ASP A 395 -11.03 -8.97 9.18
N LEU A 396 -11.19 -10.30 9.10
CA LEU A 396 -10.47 -11.17 8.16
C LEU A 396 -8.96 -11.04 8.32
N PRO A 397 -8.37 -11.64 9.36
CA PRO A 397 -6.92 -11.49 9.56
C PRO A 397 -6.07 -12.28 8.57
N PHE A 398 -6.61 -13.32 7.95
CA PHE A 398 -5.81 -14.11 7.02
C PHE A 398 -5.53 -13.39 5.71
N THR A 399 -6.35 -12.40 5.35
CA THR A 399 -6.19 -11.74 4.07
C THR A 399 -4.97 -10.81 4.08
N ALA A 400 -4.33 -10.69 2.93
CA ALA A 400 -3.18 -9.80 2.73
C ALA A 400 -3.71 -8.51 2.12
N ARG A 401 -4.00 -7.53 2.98
CA ARG A 401 -4.65 -6.31 2.52
C ARG A 401 -3.76 -5.48 1.61
N PHE A 402 -2.43 -5.61 1.74
CA PHE A 402 -1.53 -4.88 0.86
C PHE A 402 -1.61 -5.36 -0.59
N ALA A 403 -2.19 -6.53 -0.84
CA ALA A 403 -2.37 -7.04 -2.19
C ALA A 403 -3.82 -6.93 -2.67
N THR A 404 -4.71 -6.38 -1.85
CA THR A 404 -6.11 -6.25 -2.22
C THR A 404 -6.36 -4.87 -2.83
N GLY A 405 -7.12 -4.84 -3.92
CA GLY A 405 -7.39 -3.59 -4.63
C GLY A 405 -8.47 -2.78 -3.93
N TYR A 406 -8.23 -1.48 -3.78
CA TYR A 406 -9.19 -0.56 -3.22
C TYR A 406 -9.29 0.68 -4.10
N ALA A 407 -10.34 1.47 -3.87
CA ALA A 407 -10.38 2.81 -4.43
C ALA A 407 -9.36 3.67 -3.71
N PRO A 408 -8.47 4.38 -4.43
CA PRO A 408 -7.37 5.07 -3.76
C PRO A 408 -7.82 6.26 -2.93
N GLY A 409 -8.88 6.94 -3.32
CA GLY A 409 -9.31 8.13 -2.62
C GLY A 409 -8.59 9.38 -3.08
N SER A 410 -8.56 10.39 -2.21
CA SER A 410 -8.05 11.71 -2.58
C SER A 410 -6.54 11.74 -2.82
N THR A 411 -5.85 10.67 -2.44
CA THR A 411 -4.42 10.57 -2.71
C THR A 411 -4.18 10.49 -4.22
N PHE A 412 -5.17 9.97 -4.93
CA PHE A 412 -5.10 9.86 -6.38
C PHE A 412 -5.10 11.20 -7.08
N LYS A 413 -5.44 12.28 -6.37
CA LYS A 413 -5.42 13.61 -6.98
C LYS A 413 -4.01 14.02 -7.40
N THR A 414 -2.99 13.45 -6.77
CA THR A 414 -1.62 13.74 -7.16
C THR A 414 -1.35 13.30 -8.60
N ILE A 415 -1.93 12.17 -9.00
CA ILE A 415 -1.77 11.69 -10.36
C ILE A 415 -2.65 12.49 -11.32
N THR A 416 -3.89 12.77 -10.92
CA THR A 416 -4.78 13.58 -11.76
C THR A 416 -4.19 14.96 -11.99
N GLY A 417 -3.60 15.56 -10.97
CA GLY A 417 -2.99 16.87 -11.14
C GLY A 417 -1.75 16.82 -12.02
N ALA A 418 -0.95 15.76 -11.89
CA ALA A 418 0.23 15.62 -12.73
C ALA A 418 -0.15 15.38 -14.18
N ILE A 419 -1.20 14.58 -14.41
CA ILE A 419 -1.68 14.36 -15.77
C ILE A 419 -2.20 15.66 -16.37
N GLY A 420 -2.85 16.49 -15.55
CA GLY A 420 -3.33 17.78 -16.04
C GLY A 420 -2.20 18.75 -16.35
N LEU A 421 -1.11 18.68 -15.58
CA LEU A 421 0.03 19.56 -15.86
C LEU A 421 0.67 19.23 -17.20
N ASP A 422 0.92 17.93 -17.44
CA ASP A 422 1.55 17.53 -18.70
C ASP A 422 0.62 17.75 -19.88
N ALA A 423 -0.69 17.65 -19.68
CA ALA A 423 -1.65 17.87 -20.76
C ALA A 423 -1.77 19.33 -21.16
N GLY A 424 -1.29 20.26 -20.34
CA GLY A 424 -1.39 21.67 -20.63
C GLY A 424 -2.71 22.31 -20.27
N THR A 425 -3.70 21.53 -19.82
CA THR A 425 -4.99 22.09 -19.44
C THR A 425 -5.01 22.61 -18.01
N LEU A 426 -4.13 22.09 -17.14
CA LEU A 426 -4.07 22.50 -15.75
C LEU A 426 -2.90 23.46 -15.58
N LYS A 427 -3.22 24.73 -15.33
CA LYS A 427 -2.20 25.72 -15.01
C LYS A 427 -2.03 25.78 -13.49
N PRO A 428 -0.83 25.56 -12.97
CA PRO A 428 -0.67 25.53 -11.50
C PRO A 428 -1.02 26.84 -10.82
N ASP A 429 -0.80 27.98 -11.48
CA ASP A 429 -1.08 29.28 -10.88
C ASP A 429 -2.48 29.79 -11.20
N GLU A 430 -3.26 29.09 -12.03
CA GLU A 430 -4.60 29.54 -12.36
C GLU A 430 -5.50 29.47 -11.14
N GLU A 431 -6.19 30.56 -10.86
CA GLU A 431 -7.05 30.68 -9.68
C GLU A 431 -8.49 30.42 -10.11
N LEU A 432 -9.00 29.21 -9.82
CA LEU A 432 -10.35 28.81 -10.20
C LEU A 432 -11.36 29.31 -9.18
N GLU A 433 -12.45 29.90 -9.66
CA GLU A 433 -13.55 30.33 -8.80
C GLU A 433 -14.41 29.13 -8.45
N ILE A 434 -14.49 28.80 -7.16
CA ILE A 434 -15.29 27.70 -6.66
C ILE A 434 -16.09 28.20 -5.47
N ASN A 435 -17.41 28.26 -5.61
CA ASN A 435 -18.30 28.78 -4.57
C ASN A 435 -19.14 27.64 -4.01
N GLY A 436 -19.15 27.51 -2.69
CA GLY A 436 -19.95 26.50 -2.04
C GLY A 436 -19.21 25.19 -1.81
N LEU A 437 -19.98 24.18 -1.41
CA LEU A 437 -19.43 22.87 -1.08
C LEU A 437 -19.76 21.79 -2.10
N LYS A 438 -20.69 22.03 -3.02
CA LYS A 438 -21.03 21.04 -4.04
C LYS A 438 -21.09 21.71 -5.41
N TRP A 439 -20.83 20.91 -6.44
CA TRP A 439 -20.78 21.41 -7.82
C TRP A 439 -21.12 20.28 -8.78
N GLN A 440 -21.90 20.62 -9.80
CA GLN A 440 -22.17 19.74 -10.93
C GLN A 440 -21.92 20.51 -12.21
N LYS A 441 -21.65 19.78 -13.29
CA LYS A 441 -21.43 20.44 -14.58
C LYS A 441 -22.70 21.14 -15.05
N ASP A 442 -23.83 20.44 -15.01
CA ASP A 442 -25.12 21.03 -15.33
C ASP A 442 -26.21 20.12 -14.76
N LYS A 443 -27.46 20.38 -15.15
CA LYS A 443 -28.60 19.66 -14.61
C LYS A 443 -28.70 18.22 -15.10
N SER A 444 -27.90 17.84 -16.10
CA SER A 444 -27.94 16.46 -16.57
C SER A 444 -27.34 15.49 -15.57
N TRP A 445 -26.58 15.99 -14.59
CA TRP A 445 -26.05 15.14 -13.52
C TRP A 445 -27.11 14.75 -12.51
N GLY A 446 -28.28 15.38 -12.54
CA GLY A 446 -29.35 14.97 -11.63
C GLY A 446 -29.07 15.44 -10.22
N GLY A 447 -29.27 14.53 -9.26
CA GLY A 447 -29.05 14.79 -7.85
C GLY A 447 -27.64 14.55 -7.37
N TYR A 448 -26.72 14.18 -8.27
CA TYR A 448 -25.33 13.98 -7.89
C TYR A 448 -24.53 15.27 -8.01
N PHE A 449 -23.66 15.50 -7.04
CA PHE A 449 -22.73 16.61 -7.05
C PHE A 449 -21.35 16.15 -6.61
N ALA A 450 -20.32 16.79 -7.14
CA ALA A 450 -18.99 16.68 -6.56
C ALA A 450 -18.91 17.64 -5.37
N THR A 451 -18.60 17.08 -4.20
CA THR A 451 -18.64 17.83 -2.96
C THR A 451 -17.24 17.95 -2.36
N ARG A 452 -16.98 19.10 -1.77
CA ARG A 452 -15.76 19.35 -1.02
C ARG A 452 -16.10 19.63 0.43
N VAL A 453 -15.05 19.65 1.26
CA VAL A 453 -15.22 19.75 2.72
CA VAL A 453 -15.23 19.76 2.71
C VAL A 453 -14.93 21.17 3.18
N LYS A 454 -14.07 21.88 2.44
CA LYS A 454 -13.60 23.20 2.85
C LYS A 454 -14.04 24.26 1.86
N GLU A 455 -14.57 25.37 2.38
CA GLU A 455 -14.95 26.52 1.57
C GLU A 455 -13.71 27.36 1.27
N ALA A 456 -13.43 27.59 -0.01
CA ALA A 456 -12.29 28.40 -0.39
C ALA A 456 -12.45 28.84 -1.84
N SER A 457 -12.03 30.08 -2.12
CA SER A 457 -12.03 30.61 -3.48
C SER A 457 -11.19 31.86 -3.52
N PRO A 458 -10.32 32.03 -4.52
CA PRO A 458 -10.13 31.08 -5.62
C PRO A 458 -9.20 29.92 -5.24
N VAL A 459 -9.12 28.90 -6.08
CA VAL A 459 -8.36 27.69 -5.79
C VAL A 459 -7.41 27.42 -6.94
N ASN A 460 -6.12 27.38 -6.64
CA ASN A 460 -5.11 26.93 -7.60
C ASN A 460 -4.74 25.47 -7.29
N LEU A 461 -3.71 24.97 -7.96
CA LEU A 461 -3.34 23.56 -7.79
C LEU A 461 -2.86 23.26 -6.38
N ARG A 462 -1.96 24.10 -5.85
CA ARG A 462 -1.39 23.80 -4.54
C ARG A 462 -2.44 23.87 -3.44
N THR A 463 -3.30 24.89 -3.47
CA THR A 463 -4.39 24.97 -2.49
C THR A 463 -5.33 23.78 -2.62
N ALA A 464 -5.61 23.35 -3.85
CA ALA A 464 -6.53 22.23 -4.04
C ALA A 464 -5.96 20.94 -3.45
N LEU A 465 -4.64 20.76 -3.55
CA LEU A 465 -4.02 19.56 -2.99
C LEU A 465 -4.01 19.61 -1.47
N VAL A 466 -3.60 20.74 -0.89
CA VAL A 466 -3.50 20.84 0.57
C VAL A 466 -4.89 20.81 1.20
N ASN A 467 -5.85 21.53 0.59
CA ASN A 467 -7.22 21.50 1.07
C ASN A 467 -7.96 20.23 0.68
N SER A 468 -7.44 19.45 -0.27
CA SER A 468 -8.10 18.26 -0.80
C SER A 468 -9.49 18.61 -1.34
N ASP A 469 -9.49 19.45 -2.37
CA ASP A 469 -10.72 19.98 -2.97
C ASP A 469 -11.16 19.04 -4.08
N ASN A 470 -12.28 18.35 -3.86
CA ASN A 470 -12.79 17.43 -4.89
C ASN A 470 -13.30 18.20 -6.10
N ILE A 471 -13.90 19.37 -5.88
CA ILE A 471 -14.51 20.11 -6.97
C ILE A 471 -13.45 20.60 -7.96
N TYR A 472 -12.32 21.08 -7.45
CA TYR A 472 -11.23 21.51 -8.32
C TYR A 472 -10.79 20.40 -9.27
N PHE A 473 -10.59 19.19 -8.72
CA PHE A 473 -10.08 18.09 -9.53
C PHE A 473 -11.17 17.49 -10.42
N ALA A 474 -12.43 17.53 -9.98
CA ALA A 474 -13.52 17.13 -10.86
C ALA A 474 -13.62 18.07 -12.06
N GLN A 475 -13.43 19.37 -11.83
CA GLN A 475 -13.48 20.33 -12.93
C GLN A 475 -12.27 20.18 -13.84
N GLN A 476 -11.08 19.96 -13.26
CA GLN A 476 -9.88 19.81 -14.08
C GLN A 476 -9.93 18.52 -14.90
N THR A 477 -10.55 17.47 -14.36
CA THR A 477 -10.67 16.22 -15.10
C THR A 477 -11.63 16.37 -16.28
N LEU A 478 -12.74 17.07 -16.09
CA LEU A 478 -13.66 17.32 -17.18
C LEU A 478 -13.06 18.29 -18.19
N ARG A 479 -12.21 19.22 -17.74
CA ARG A 479 -11.56 20.16 -18.65
C ARG A 479 -10.62 19.44 -19.61
N MET A 480 -9.83 18.49 -19.11
CA MET A 480 -8.90 17.79 -19.99
C MET A 480 -9.60 16.75 -20.85
N GLY A 481 -10.71 16.20 -20.38
CA GLY A 481 -11.44 15.22 -21.14
C GLY A 481 -10.95 13.80 -20.90
N GLU A 482 -11.79 12.84 -21.30
CA GLU A 482 -11.48 11.43 -21.05
C GLU A 482 -10.25 10.98 -21.83
N ASP A 483 -10.07 11.50 -23.04
CA ASP A 483 -8.93 11.06 -23.85
C ASP A 483 -7.61 11.52 -23.25
N LYS A 484 -7.53 12.80 -22.86
CA LYS A 484 -6.33 13.28 -22.20
C LYS A 484 -6.13 12.64 -20.84
N PHE A 485 -7.24 12.35 -20.13
CA PHE A 485 -7.13 11.75 -18.81
C PHE A 485 -6.63 10.31 -18.90
N ARG A 486 -7.24 9.51 -19.78
CA ARG A 486 -6.82 8.13 -19.93
C ARG A 486 -5.42 8.02 -20.55
N ALA A 487 -5.05 8.98 -21.41
CA ALA A 487 -3.72 8.95 -22.00
C ALA A 487 -2.64 9.01 -20.94
N GLY A 488 -2.85 9.81 -19.90
CA GLY A 488 -1.92 9.88 -18.79
C GLY A 488 -2.05 8.70 -17.85
N LEU A 489 -3.29 8.23 -17.65
CA LEU A 489 -3.52 7.08 -16.78
C LEU A 489 -2.91 5.82 -17.37
N ASN A 490 -2.99 5.67 -18.69
CA ASN A 490 -2.53 4.44 -19.34
C ASN A 490 -1.01 4.28 -19.26
N LYS A 491 -0.27 5.36 -18.99
CA LYS A 491 1.17 5.23 -18.82
C LYS A 491 1.56 4.65 -17.46
N PHE A 492 0.61 4.53 -16.54
CA PHE A 492 0.85 3.84 -15.28
C PHE A 492 0.66 2.33 -15.50
N ILE A 493 0.71 1.56 -14.43
CA ILE A 493 0.77 0.11 -14.53
C ILE A 493 -0.62 -0.52 -14.45
N PHE A 494 -1.64 0.18 -14.96
CA PHE A 494 -2.98 -0.37 -14.96
C PHE A 494 -3.07 -1.60 -15.84
N GLY A 495 -3.74 -2.64 -15.34
CA GLY A 495 -3.91 -3.87 -16.07
C GLY A 495 -2.65 -4.73 -16.18
N GLU A 496 -1.60 -4.38 -15.47
CA GLU A 496 -0.28 -4.99 -15.64
C GLU A 496 0.03 -5.88 -14.44
N GLU A 497 0.30 -7.16 -14.70
CA GLU A 497 0.72 -8.08 -13.67
C GLU A 497 2.19 -7.82 -13.32
N LEU A 498 2.48 -7.78 -12.03
CA LEU A 498 3.83 -7.43 -11.57
C LEU A 498 4.66 -8.69 -11.34
N ASP A 499 5.98 -8.51 -11.43
CA ASP A 499 6.93 -9.58 -11.14
C ASP A 499 7.25 -9.64 -9.64
N LEU A 500 6.20 -9.70 -8.83
CA LEU A 500 6.28 -9.85 -7.39
C LEU A 500 5.75 -11.23 -6.99
N PRO A 501 6.39 -11.90 -6.04
CA PRO A 501 5.89 -13.20 -5.58
C PRO A 501 4.67 -13.08 -4.68
N ILE A 502 3.83 -12.09 -4.95
CA ILE A 502 2.59 -11.86 -4.21
C ILE A 502 1.45 -11.85 -5.21
N ALA A 503 0.48 -12.75 -5.01
CA ALA A 503 -0.70 -12.78 -5.88
C ALA A 503 -1.47 -11.47 -5.77
N MET A 504 -1.83 -10.90 -6.91
CA MET A 504 -2.38 -9.55 -6.92
C MET A 504 -3.11 -9.32 -8.23
N THR A 505 -4.39 -8.97 -8.15
CA THR A 505 -5.15 -8.59 -9.34
C THR A 505 -4.63 -7.26 -9.87
N PRO A 506 -4.39 -7.15 -11.17
CA PRO A 506 -3.89 -5.87 -11.72
C PRO A 506 -4.85 -4.73 -11.45
N ALA A 507 -4.29 -3.53 -11.31
CA ALA A 507 -5.11 -2.35 -11.08
C ALA A 507 -5.95 -2.03 -12.32
N GLN A 508 -7.11 -1.42 -12.09
CA GLN A 508 -8.00 -1.04 -13.18
C GLN A 508 -8.44 0.42 -13.00
N ILE A 509 -8.70 1.07 -14.13
CA ILE A 509 -9.23 2.42 -14.11
C ILE A 509 -10.73 2.41 -13.88
N SER A 510 -11.46 1.66 -14.71
CA SER A 510 -12.90 1.53 -14.60
C SER A 510 -13.30 0.12 -15.04
N ASN A 511 -14.60 -0.14 -15.05
CA ASN A 511 -15.07 -1.47 -15.40
C ASN A 511 -14.99 -1.72 -16.91
N GLU A 512 -15.06 -0.67 -17.72
CA GLU A 512 -15.04 -0.79 -19.17
C GLU A 512 -13.97 0.14 -19.74
N ASP A 513 -13.74 0.02 -21.05
CA ASP A 513 -12.72 0.83 -21.71
C ASP A 513 -13.13 2.30 -21.81
N LYS A 514 -14.40 2.60 -21.63
CA LYS A 514 -14.91 3.96 -21.65
C LYS A 514 -15.74 4.21 -20.40
N PHE A 515 -15.67 5.45 -19.91
CA PHE A 515 -16.45 5.82 -18.73
C PHE A 515 -17.94 5.82 -19.05
N ASN A 516 -18.33 6.33 -20.23
CA ASN A 516 -19.73 6.42 -20.63
C ASN A 516 -20.54 7.22 -19.62
N SER A 517 -19.88 8.17 -18.95
CA SER A 517 -20.52 9.00 -17.92
C SER A 517 -19.57 10.11 -17.49
N GLU A 518 -20.04 11.37 -17.56
CA GLU A 518 -19.25 12.48 -17.03
C GLU A 518 -19.08 12.36 -15.52
N ILE A 519 -20.10 11.83 -14.84
CA ILE A 519 -20.02 11.65 -13.38
C ILE A 519 -18.90 10.67 -13.04
N LEU A 520 -18.87 9.53 -13.73
CA LEU A 520 -17.83 8.54 -13.48
C LEU A 520 -16.45 9.10 -13.83
N LEU A 521 -16.36 9.88 -14.90
CA LEU A 521 -15.10 10.52 -15.26
C LEU A 521 -14.64 11.48 -14.17
N ALA A 522 -15.58 12.25 -13.60
CA ALA A 522 -15.21 13.19 -12.54
C ALA A 522 -14.87 12.46 -11.25
N ASP A 523 -15.62 11.41 -10.92
CA ASP A 523 -15.32 10.64 -9.71
C ASP A 523 -13.92 10.04 -9.77
N THR A 524 -13.54 9.50 -10.93
CA THR A 524 -12.22 8.95 -11.08
C THR A 524 -11.13 10.01 -10.90
N GLY A 525 -11.47 11.28 -11.19
CA GLY A 525 -10.49 12.34 -11.04
C GLY A 525 -10.00 12.55 -9.62
N TYR A 526 -10.86 12.29 -8.62
CA TYR A 526 -10.45 12.41 -7.22
C TYR A 526 -10.47 11.06 -6.51
N GLY A 527 -10.13 9.98 -7.22
CA GLY A 527 -9.87 8.70 -6.59
C GLY A 527 -11.07 7.86 -6.24
N GLN A 528 -12.29 8.24 -6.63
CA GLN A 528 -13.41 7.33 -6.42
C GLN A 528 -13.75 6.56 -7.67
N GLY A 529 -15.05 6.53 -7.96
CA GLY A 529 -15.53 5.82 -9.12
C GLY A 529 -15.26 4.33 -9.02
N GLN A 530 -14.70 3.78 -10.10
CA GLN A 530 -14.47 2.35 -10.22
C GLN A 530 -12.98 2.02 -10.23
N LEU A 531 -12.15 2.89 -9.65
CA LEU A 531 -10.73 2.61 -9.51
C LEU A 531 -10.52 1.49 -8.49
N LEU A 532 -9.65 0.54 -8.84
CA LEU A 532 -9.25 -0.53 -7.92
C LEU A 532 -7.74 -0.67 -7.98
N ILE A 533 -7.05 -0.18 -6.96
CA ILE A 533 -5.60 -0.19 -6.88
C ILE A 533 -5.19 -0.73 -5.52
N SER A 534 -4.29 -1.71 -5.50
CA SER A 534 -3.80 -2.28 -4.26
C SER A 534 -2.78 -1.33 -3.61
N PRO A 535 -2.56 -1.44 -2.30
CA PRO A 535 -1.54 -0.60 -1.66
C PRO A 535 -0.16 -0.76 -2.26
N ILE A 536 0.21 -1.98 -2.66
CA ILE A 536 1.47 -2.19 -3.34
C ILE A 536 1.46 -1.48 -4.69
N GLN A 537 0.36 -1.59 -5.43
CA GLN A 537 0.24 -0.89 -6.70
C GLN A 537 0.15 0.61 -6.51
N GLN A 538 -0.47 1.08 -5.43
CA GLN A 538 -0.50 2.51 -5.15
C GLN A 538 0.90 3.04 -4.90
N ALA A 539 1.65 2.36 -4.02
CA ALA A 539 3.02 2.78 -3.76
C ALA A 539 3.88 2.77 -5.02
N THR A 540 3.58 1.88 -5.96
CA THR A 540 4.32 1.84 -7.21
C THR A 540 3.97 3.03 -8.10
N MET A 541 2.68 3.34 -8.22
CA MET A 541 2.26 4.46 -9.04
C MET A 541 2.76 5.79 -8.47
N TYR A 542 2.68 5.95 -7.15
CA TYR A 542 3.10 7.20 -6.52
C TYR A 542 4.61 7.36 -6.46
N SER A 543 5.38 6.35 -6.87
CA SER A 543 6.83 6.47 -6.87
C SER A 543 7.34 7.46 -7.91
N VAL A 544 6.48 7.90 -8.85
CA VAL A 544 6.92 8.83 -9.87
C VAL A 544 7.29 10.19 -9.30
N PHE A 545 6.72 10.56 -8.14
CA PHE A 545 6.99 11.87 -7.56
C PHE A 545 8.33 11.96 -6.87
N GLN A 546 9.00 10.83 -6.63
CA GLN A 546 10.33 10.81 -6.05
C GLN A 546 11.39 10.33 -7.04
N ASN A 547 11.02 10.18 -8.32
CA ASN A 547 11.96 9.73 -9.35
C ASN A 547 11.86 10.60 -10.60
N ASN A 548 11.47 11.86 -10.43
CA ASN A 548 11.38 12.82 -11.54
C ASN A 548 10.45 12.32 -12.64
N GLY A 549 9.36 11.66 -12.25
CA GLY A 549 8.37 11.19 -13.19
C GLY A 549 8.54 9.74 -13.64
N THR A 550 9.64 9.09 -13.26
CA THR A 550 9.86 7.70 -13.61
C THR A 550 9.22 6.79 -12.57
N LEU A 551 8.55 5.75 -13.03
CA LEU A 551 7.94 4.76 -12.15
C LEU A 551 8.96 3.66 -11.85
N VAL A 552 9.06 3.30 -10.57
CA VAL A 552 9.99 2.27 -10.12
C VAL A 552 9.17 1.09 -9.63
N TYR A 553 9.37 -0.08 -10.25
CA TYR A 553 8.62 -1.26 -9.90
C TYR A 553 9.04 -1.78 -8.53
N PRO A 554 8.11 -2.38 -7.79
CA PRO A 554 8.45 -2.94 -6.47
C PRO A 554 9.21 -4.25 -6.59
N LYS A 555 10.06 -4.50 -5.59
CA LYS A 555 10.81 -5.74 -5.52
C LYS A 555 10.86 -6.22 -4.08
N LEU A 556 10.77 -7.54 -3.92
CA LEU A 556 10.84 -8.18 -2.60
C LEU A 556 12.14 -8.92 -2.36
N VAL A 557 12.78 -9.45 -3.39
CA VAL A 557 14.05 -10.15 -3.25
C VAL A 557 15.17 -9.13 -3.40
N LEU A 558 16.12 -9.15 -2.46
CA LEU A 558 17.08 -8.06 -2.34
C LEU A 558 18.00 -7.95 -3.55
N ASP A 559 18.48 -9.09 -4.05
CA ASP A 559 19.45 -9.07 -5.16
C ASP A 559 18.79 -8.89 -6.53
N LYS A 560 17.47 -8.75 -6.58
CA LYS A 560 16.80 -8.54 -7.86
C LYS A 560 17.12 -7.16 -8.41
N GLU A 561 17.37 -7.09 -9.71
CA GLU A 561 17.72 -5.82 -10.35
C GLU A 561 16.53 -4.88 -10.35
N THR A 562 16.81 -3.59 -10.16
CA THR A 562 15.76 -2.58 -10.19
C THR A 562 15.20 -2.43 -11.61
N LYS A 563 13.89 -2.47 -11.72
CA LYS A 563 13.20 -2.30 -12.99
C LYS A 563 12.31 -1.06 -12.93
N LYS A 564 12.34 -0.26 -13.99
CA LYS A 564 11.67 1.03 -14.03
C LYS A 564 10.81 1.15 -15.27
N LYS A 565 9.92 2.14 -15.25
CA LYS A 565 9.15 2.55 -16.41
C LYS A 565 9.38 4.05 -16.60
N ASP A 566 10.08 4.40 -17.67
CA ASP A 566 10.59 5.77 -17.82
C ASP A 566 9.50 6.74 -18.24
N ASN A 567 9.56 7.95 -17.66
CA ASN A 567 8.77 9.09 -18.10
C ASN A 567 7.27 8.79 -18.08
N VAL A 568 6.79 8.27 -16.94
CA VAL A 568 5.35 8.08 -16.78
C VAL A 568 4.67 9.44 -16.69
N ILE A 569 5.27 10.38 -15.96
CA ILE A 569 4.90 11.78 -16.02
C ILE A 569 6.19 12.59 -16.20
N SER A 570 6.03 13.86 -16.54
CA SER A 570 7.20 14.71 -16.73
C SER A 570 7.87 15.00 -15.39
N ALA A 571 9.15 15.36 -15.46
CA ALA A 571 9.89 15.70 -14.25
C ALA A 571 9.34 16.96 -13.61
N ASN A 572 8.89 17.93 -14.42
CA ASN A 572 8.32 19.15 -13.88
C ASN A 572 7.02 18.87 -13.14
N ALA A 573 6.18 17.97 -13.68
CA ALA A 573 4.92 17.65 -13.02
C ALA A 573 5.15 16.91 -11.72
N ALA A 574 6.15 16.02 -11.69
CA ALA A 574 6.41 15.24 -10.48
C ALA A 574 6.91 16.14 -9.35
N ASN A 575 7.81 17.08 -9.65
CA ASN A 575 8.36 17.94 -8.61
C ASN A 575 7.39 19.03 -8.21
N THR A 576 6.53 19.48 -9.13
CA THR A 576 5.51 20.46 -8.76
C THR A 576 4.52 19.87 -7.78
N ILE A 577 4.06 18.65 -8.03
CA ILE A 577 3.12 17.99 -7.13
C ILE A 577 3.79 17.69 -5.79
N ALA A 578 5.00 17.14 -5.84
CA ALA A 578 5.70 16.77 -4.61
C ALA A 578 5.97 17.98 -3.74
N THR A 579 6.33 19.12 -4.34
CA THR A 579 6.57 20.33 -3.58
C THR A 579 5.28 20.86 -2.96
N ASP A 580 4.18 20.81 -3.71
CA ASP A 580 2.89 21.26 -3.17
C ASP A 580 2.45 20.40 -1.99
N LEU A 581 2.81 19.11 -2.00
CA LEU A 581 2.42 18.22 -0.91
C LEU A 581 3.18 18.49 0.38
N LEU A 582 4.24 19.30 0.33
CA LEU A 582 4.90 19.71 1.57
C LEU A 582 3.96 20.49 2.47
N GLY A 583 3.03 21.26 1.89
CA GLY A 583 2.07 22.00 2.67
C GLY A 583 1.15 21.15 3.52
N SER A 584 0.91 19.89 3.13
CA SER A 584 0.07 19.02 3.94
C SER A 584 0.70 18.78 5.30
N VAL A 585 2.03 18.84 5.38
CA VAL A 585 2.75 18.60 6.62
C VAL A 585 3.19 19.90 7.28
N GLU A 586 3.59 20.89 6.47
CA GLU A 586 4.21 22.09 7.01
C GLU A 586 3.22 23.20 7.31
N ASP A 587 2.11 23.30 6.58
CA ASP A 587 1.10 24.31 6.88
C ASP A 587 0.39 23.94 8.17
N PRO A 588 0.23 24.88 9.12
CA PRO A 588 -0.45 24.54 10.38
C PRO A 588 -1.89 24.08 10.19
N SER A 589 -2.52 24.38 9.06
CA SER A 589 -3.86 23.94 8.76
C SER A 589 -3.90 22.66 7.93
N GLY A 590 -2.74 22.16 7.51
CA GLY A 590 -2.71 20.93 6.74
C GLY A 590 -3.14 19.73 7.55
N TYR A 591 -3.62 18.71 6.83
CA TYR A 591 -4.13 17.51 7.48
C TYR A 591 -3.03 16.67 8.13
N VAL A 592 -1.79 16.83 7.69
CA VAL A 592 -0.68 16.06 8.23
C VAL A 592 0.26 16.96 9.06
N TYR A 593 -0.27 18.07 9.58
CA TYR A 593 0.56 18.95 10.40
C TYR A 593 0.99 18.30 11.71
N ASN A 594 0.23 17.31 12.18
CA ASN A 594 0.60 16.59 13.40
C ASN A 594 1.96 15.93 13.28
N MET A 595 2.41 15.61 12.08
CA MET A 595 3.71 15.00 11.85
C MET A 595 4.76 16.00 11.39
N TYR A 596 4.52 17.30 11.59
CA TYR A 596 5.46 18.30 11.12
C TYR A 596 6.78 18.19 11.87
N ASN A 597 7.87 18.16 11.10
CA ASN A 597 9.22 18.13 11.65
C ASN A 597 10.01 19.25 10.99
N PRO A 598 10.44 20.28 11.73
CA PRO A 598 11.20 21.36 11.11
C PRO A 598 12.56 20.94 10.57
N ASN A 599 13.05 19.76 10.92
CA ASN A 599 14.34 19.28 10.48
C ASN A 599 14.25 18.22 9.39
N PHE A 600 13.06 18.01 8.82
CA PHE A 600 12.88 16.99 7.80
C PHE A 600 11.88 17.48 6.77
N SER A 601 12.13 17.17 5.50
CA SER A 601 11.24 17.55 4.41
C SER A 601 10.36 16.35 4.07
N LEU A 602 9.10 16.41 4.49
CA LEU A 602 8.15 15.33 4.27
C LEU A 602 6.94 15.88 3.52
N ALA A 603 6.71 15.36 2.32
CA ALA A 603 5.49 15.64 1.59
C ALA A 603 4.46 14.55 1.88
N ALA A 604 3.18 14.94 1.84
CA ALA A 604 2.13 13.99 2.20
C ALA A 604 0.83 14.35 1.47
N LYS A 605 -0.07 13.37 1.45
CA LYS A 605 -1.41 13.55 0.89
C LYS A 605 -2.33 12.53 1.54
N THR A 606 -3.44 13.00 2.10
CA THR A 606 -4.39 12.15 2.78
C THR A 606 -5.54 11.79 1.83
N GLY A 607 -6.46 10.95 2.33
CA GLY A 607 -7.60 10.54 1.55
C GLY A 607 -8.61 9.71 2.33
N THR A 608 -9.89 9.95 2.09
CA THR A 608 -10.97 9.16 2.68
C THR A 608 -11.91 8.76 1.56
N ALA A 609 -11.96 7.45 1.27
CA ALA A 609 -12.79 6.92 0.21
C ALA A 609 -14.13 6.46 0.77
N GLU A 610 -15.20 6.76 0.03
CA GLU A 610 -16.55 6.37 0.41
C GLU A 610 -16.94 5.13 -0.38
N ILE A 611 -17.21 4.03 0.32
CA ILE A 611 -17.57 2.76 -0.31
C ILE A 611 -19.08 2.56 -0.18
N LYS A 612 -19.68 2.00 -1.22
CA LYS A 612 -21.12 1.76 -1.23
C LYS A 612 -21.50 0.66 -0.26
N GLY A 619 -22.98 3.88 4.07
CA GLY A 619 -21.81 3.17 3.61
C GLY A 619 -20.66 3.17 4.60
N LYS A 620 -19.47 2.84 4.12
CA LYS A 620 -18.27 2.80 4.93
C LYS A 620 -17.22 3.74 4.35
N GLU A 621 -16.16 3.97 5.12
CA GLU A 621 -15.10 4.90 4.72
C GLU A 621 -13.74 4.32 5.07
N ASN A 622 -12.82 4.38 4.12
CA ASN A 622 -11.43 3.97 4.33
C ASN A 622 -10.54 5.21 4.32
N SER A 623 -9.54 5.22 5.19
CA SER A 623 -8.61 6.33 5.30
C SER A 623 -7.26 5.94 4.71
N PHE A 624 -6.63 6.89 4.01
CA PHE A 624 -5.35 6.66 3.36
C PHE A 624 -4.38 7.77 3.73
N LEU A 625 -3.10 7.43 3.75
CA LEU A 625 -2.04 8.40 3.99
C LEU A 625 -0.81 8.03 3.18
N LEU A 626 -0.44 8.92 2.25
CA LEU A 626 0.79 8.80 1.48
C LEU A 626 1.77 9.85 1.97
N THR A 627 2.98 9.43 2.32
CA THR A 627 4.05 10.35 2.70
C THR A 627 5.26 10.11 1.81
N LEU A 628 5.97 11.20 1.51
CA LEU A 628 7.12 11.16 0.62
C LEU A 628 8.31 11.80 1.31
N ASP A 629 9.38 11.04 1.50
CA ASP A 629 10.64 11.60 1.96
C ASP A 629 11.21 12.50 0.86
N ARG A 630 11.27 13.80 1.14
CA ARG A 630 11.84 14.76 0.20
C ARG A 630 13.18 15.29 0.65
N SER A 631 13.69 14.84 1.79
CA SER A 631 15.04 15.21 2.20
C SER A 631 16.08 14.36 1.48
N ASN A 632 15.85 13.05 1.40
CA ASN A 632 16.77 12.14 0.74
C ASN A 632 16.08 11.17 -0.22
N ASN A 633 14.75 11.17 -0.28
CA ASN A 633 13.98 10.28 -1.16
C ASN A 633 14.33 8.81 -0.89
N LYS A 634 14.43 8.45 0.39
CA LYS A 634 14.81 7.11 0.79
C LYS A 634 13.64 6.24 1.20
N PHE A 635 12.47 6.82 1.47
CA PHE A 635 11.30 6.01 1.82
C PHE A 635 10.04 6.61 1.25
N LEU A 636 9.02 5.75 1.12
CA LEU A 636 7.68 6.12 0.72
C LEU A 636 6.72 5.26 1.51
N THR A 637 5.64 5.87 2.02
CA THR A 637 4.68 5.16 2.84
C THR A 637 3.29 5.24 2.22
N MET A 638 2.61 4.10 2.17
CA MET A 638 1.21 4.02 1.74
C MET A 638 0.46 3.29 2.87
N ILE A 639 -0.26 4.06 3.68
CA ILE A 639 -0.91 3.54 4.87
C ILE A 639 -2.42 3.65 4.71
N MET A 640 -3.14 2.61 5.12
CA MET A 640 -4.58 2.54 4.95
C MET A 640 -5.21 1.97 6.22
N VAL A 641 -6.36 2.53 6.59
CA VAL A 641 -7.16 2.05 7.71
C VAL A 641 -8.56 1.75 7.20
N GLU A 642 -8.95 0.48 7.24
CA GLU A 642 -10.30 0.11 6.84
C GLU A 642 -11.31 0.59 7.88
N ASN A 643 -12.52 0.92 7.39
CA ASN A 643 -13.62 1.36 8.24
C ASN A 643 -13.20 2.51 9.15
N SER A 644 -12.66 3.56 8.52
CA SER A 644 -12.10 4.68 9.26
C SER A 644 -13.14 5.44 10.08
N GLY A 645 -14.43 5.31 9.72
CA GLY A 645 -15.47 5.95 10.51
C GLY A 645 -15.51 5.45 11.94
N GLU A 646 -15.06 4.22 12.17
CA GLU A 646 -15.00 3.64 13.50
C GLU A 646 -13.59 3.43 14.01
N ASN A 647 -12.61 3.24 13.13
CA ASN A 647 -11.25 2.95 13.52
C ASN A 647 -10.31 4.15 13.43
N GLY A 648 -10.82 5.32 13.02
CA GLY A 648 -10.00 6.50 12.92
C GLY A 648 -9.24 6.57 11.61
N SER A 649 -8.57 7.71 11.41
CA SER A 649 -7.86 7.94 10.16
C SER A 649 -6.47 7.32 10.20
N ALA A 650 -5.84 7.24 9.02
CA ALA A 650 -4.47 6.77 8.95
C ALA A 650 -3.49 7.79 9.53
N THR A 651 -3.83 9.07 9.46
CA THR A 651 -2.97 10.12 10.01
C THR A 651 -2.90 10.02 11.53
N ASP A 652 -3.96 9.53 12.18
CA ASP A 652 -4.03 9.50 13.63
C ASP A 652 -3.21 8.38 14.26
N ILE A 653 -2.61 7.49 13.48
CA ILE A 653 -1.88 6.37 14.05
C ILE A 653 -0.48 6.26 13.44
N SER A 654 -0.24 6.99 12.36
CA SER A 654 0.97 6.77 11.56
C SER A 654 2.16 7.61 11.98
N LYS A 655 1.99 8.53 12.94
CA LYS A 655 3.12 9.38 13.34
C LYS A 655 4.31 8.59 13.89
N PRO A 656 4.15 7.59 14.77
CA PRO A 656 5.33 6.83 15.20
C PRO A 656 6.05 6.12 14.06
N LEU A 657 5.33 5.69 13.02
CA LEU A 657 5.99 5.09 11.87
C LEU A 657 6.79 6.13 11.10
N ILE A 658 6.20 7.31 10.85
CA ILE A 658 6.91 8.36 10.13
C ILE A 658 8.10 8.85 10.94
N ASP A 659 7.93 9.01 12.25
CA ASP A 659 9.05 9.39 13.10
C ASP A 659 10.15 8.34 13.06
N TYR A 660 9.78 7.07 13.06
CA TYR A 660 10.78 6.00 12.99
C TYR A 660 11.54 6.05 11.66
N LEU A 661 10.84 6.28 10.56
CA LEU A 661 11.49 6.27 9.25
C LEU A 661 12.38 7.50 9.05
N GLU A 662 11.99 8.65 9.59
CA GLU A 662 12.80 9.85 9.43
C GLU A 662 14.12 9.75 10.19
N ALA A 663 14.15 8.97 11.28
CA ALA A 663 15.39 8.80 12.04
C ALA A 663 16.20 7.61 11.57
N THR A 664 15.55 6.59 11.00
CA THR A 664 16.26 5.39 10.55
C THR A 664 16.62 5.48 9.07
N ILE A 665 15.62 5.36 8.19
CA ILE A 665 15.87 5.41 6.76
C ILE A 665 16.28 6.81 6.34
N LYS A 666 15.80 7.83 7.03
CA LYS A 666 16.15 9.24 6.75
C LYS A 666 15.77 9.63 5.32
#